data_4GHN
#
_entry.id   4GHN
#
_cell.length_a   102.077
_cell.length_b   102.077
_cell.length_c   97.266
_cell.angle_alpha   90.000
_cell.angle_beta   90.000
_cell.angle_gamma   120.000
#
_symmetry.space_group_name_H-M   'P 31 2 1'
#
loop_
_entity.id
_entity.type
_entity.pdbx_description
1 polymer 'Uncharacterized protein'
2 non-polymer GLYCEROL
3 water water
#
_entity_poly.entity_id   1
_entity_poly.type   'polypeptide(L)'
_entity_poly.pdbx_seq_one_letter_code
;GNYFYNDKQIDVENFYIAELPLTPSQFEEDFKEIHQIV(MSE)ENYSLYQAKHLN(MSE)DSLYQACDARVRQAQTTTDY
GLIVQEYISALQCAHAITCYKRYTANQRVAFIEDFLFVDKPNDYLTEYGFQDKDRIIAINGLPYKQWIEQNEKYTEASTV
PHRRLRTAYDAFRSYADTLRNYTLLRGGDTLTVTLPLKQRDYFPDNEEQTVESRILQDSIGYLTIKT(MSE)(MSE)NPV
(MSE)EDFKAVYPKVKDLPYLIIDVRRNGGGNS(MSE)NGVNICKYFIREAQPHCVSKSYI(MSE)QPEADAYKGKIYLL
TDTYTLSAAESFTLD(MSE)KESGNVTLIGEATGGDTGNGPRPFCTKQRTYFRIPTRQPDVSSKGFP(MSE)EGIGIPPH
HQVSQTVADF(MSE)KDEDTVLNYAVGLITEKQ
;
_entity_poly.pdbx_strand_id   A
#
loop_
_chem_comp.id
_chem_comp.type
_chem_comp.name
_chem_comp.formula
GOL non-polymer GLYCEROL 'C3 H8 O3'
#
# COMPACT_ATOMS: atom_id res chain seq x y z
N PHE A 4 25.17 -3.26 11.16
CA PHE A 4 24.41 -4.05 12.17
C PHE A 4 23.79 -3.11 13.21
N TYR A 5 22.47 -3.18 13.36
CA TYR A 5 21.74 -2.24 14.23
C TYR A 5 21.52 -2.84 15.62
N ASN A 6 22.44 -2.51 16.52
CA ASN A 6 22.35 -2.88 17.95
C ASN A 6 21.23 -2.10 18.68
N ASP A 7 21.03 -0.84 18.30
CA ASP A 7 20.04 0.03 18.96
C ASP A 7 18.58 -0.22 18.47
N LYS A 8 17.62 -0.02 19.38
CA LYS A 8 16.18 -0.14 19.05
C LYS A 8 15.74 1.00 18.12
N GLN A 9 14.62 0.79 17.41
CA GLN A 9 14.14 1.79 16.44
C GLN A 9 13.69 3.08 17.14
N ILE A 10 14.13 4.22 16.61
CA ILE A 10 13.72 5.54 17.14
C ILE A 10 12.22 5.80 16.88
N ASP A 11 11.65 6.70 17.67
CA ASP A 11 10.31 7.22 17.40
C ASP A 11 10.46 8.31 16.36
N VAL A 12 9.42 8.53 15.56
CA VAL A 12 9.47 9.59 14.57
C VAL A 12 8.48 10.65 14.95
N GLU A 13 8.71 11.83 14.40
CA GLU A 13 7.71 12.89 14.42
C GLU A 13 7.18 13.06 13.00
N ASN A 14 5.87 13.29 12.92
CA ASN A 14 5.17 13.48 11.66
C ASN A 14 4.71 14.91 11.54
N PHE A 15 5.30 15.61 10.61
CA PHE A 15 5.02 17.03 10.34
C PHE A 15 4.31 17.25 9.02
N TYR A 16 3.51 18.30 8.97
CA TYR A 16 3.11 18.94 7.71
C TYR A 16 4.33 19.72 7.19
N ILE A 17 4.58 19.64 5.89
CA ILE A 17 5.75 20.31 5.34
C ILE A 17 5.69 21.83 5.47
N ALA A 18 4.50 22.40 5.57
CA ALA A 18 4.40 23.84 5.85
C ALA A 18 4.89 24.22 7.24
N GLU A 19 5.10 23.23 8.10
CA GLU A 19 5.43 23.43 9.51
C GLU A 19 6.73 22.72 9.94
N LEU A 20 7.67 22.48 9.01
CA LEU A 20 8.90 21.82 9.40
C LEU A 20 9.69 22.73 10.37
N PRO A 21 10.39 22.14 11.34
N PRO A 21 10.34 22.12 11.37
CA PRO A 21 11.04 22.97 12.38
CA PRO A 21 11.19 22.81 12.34
C PRO A 21 12.33 23.67 11.93
C PRO A 21 12.65 22.92 11.88
N LEU A 22 12.98 23.19 10.88
N LEU A 22 12.83 23.47 10.68
CA LEU A 22 14.23 23.82 10.47
CA LEU A 22 14.16 23.82 10.24
C LEU A 22 14.00 25.09 9.65
C LEU A 22 14.01 25.10 9.48
N THR A 23 15.03 25.95 9.58
CA THR A 23 15.00 27.21 8.86
C THR A 23 15.66 27.05 7.48
N PRO A 24 15.35 27.96 6.53
CA PRO A 24 15.94 27.88 5.21
C PRO A 24 17.47 27.85 5.18
N SER A 25 18.12 28.51 6.13
CA SER A 25 19.56 28.46 6.21
C SER A 25 20.09 27.05 6.53
N GLN A 26 19.21 26.16 7.02
CA GLN A 26 19.58 24.81 7.44
C GLN A 26 19.24 23.78 6.36
N PHE A 27 18.62 24.21 5.26
CA PHE A 27 18.05 23.25 4.28
C PHE A 27 19.18 22.43 3.69
N GLU A 28 20.25 23.08 3.25
CA GLU A 28 21.24 22.34 2.49
C GLU A 28 22.02 21.36 3.34
N GLU A 29 22.38 21.75 4.56
CA GLU A 29 23.04 20.86 5.54
CA GLU A 29 23.08 20.80 5.41
C GLU A 29 22.16 19.65 5.85
N ASP A 30 20.86 19.91 6.03
CA ASP A 30 19.94 18.83 6.31
C ASP A 30 19.89 17.85 5.16
N PHE A 31 19.79 18.37 3.95
CA PHE A 31 19.66 17.48 2.77
C PHE A 31 20.92 16.63 2.60
N LYS A 32 22.08 17.25 2.83
CA LYS A 32 23.34 16.51 2.77
C LYS A 32 23.33 15.38 3.78
N GLU A 33 22.75 15.57 4.96
CA GLU A 33 22.70 14.49 5.94
CA GLU A 33 22.67 14.52 5.96
C GLU A 33 21.72 13.39 5.51
N ILE A 34 20.57 13.76 4.93
CA ILE A 34 19.63 12.75 4.42
C ILE A 34 20.35 11.86 3.41
N HIS A 35 21.06 12.49 2.49
CA HIS A 35 21.73 11.74 1.44
C HIS A 35 22.85 10.86 2.01
N GLN A 36 23.62 11.36 2.97
CA GLN A 36 24.65 10.54 3.60
C GLN A 36 24.04 9.31 4.26
N ILE A 37 22.93 9.51 4.97
CA ILE A 37 22.24 8.41 5.64
C ILE A 37 21.79 7.37 4.62
N VAL A 38 21.20 7.84 3.53
CA VAL A 38 20.76 6.92 2.46
C VAL A 38 21.93 6.16 1.86
N MSE A 39 23.01 6.85 1.52
CA MSE A 39 24.13 6.17 0.88
C MSE A 39 24.75 5.12 1.80
O MSE A 39 25.18 4.07 1.33
CB MSE A 39 25.21 7.17 0.45
CG MSE A 39 24.78 8.10 -0.65
SE MSE A 39 24.23 7.19 -2.29
CE MSE A 39 25.95 6.39 -2.85
N GLU A 40 24.79 5.41 3.11
CA GLU A 40 25.36 4.49 4.07
C GLU A 40 24.44 3.34 4.52
N ASN A 41 23.12 3.51 4.40
CA ASN A 41 22.19 2.57 4.98
C ASN A 41 21.14 1.95 4.03
N TYR A 42 20.73 2.66 2.98
CA TYR A 42 19.68 2.13 2.09
C TYR A 42 20.30 0.97 1.30
N SER A 43 19.70 -0.20 1.47
CA SER A 43 20.30 -1.42 0.99
C SER A 43 20.02 -1.77 -0.47
N LEU A 44 19.17 -1.01 -1.15
CA LEU A 44 18.67 -1.42 -2.47
C LEU A 44 19.15 -0.59 -3.66
N TYR A 45 19.84 0.55 -3.43
CA TYR A 45 20.15 1.41 -4.56
C TYR A 45 21.13 0.79 -5.56
N GLN A 46 22.08 0.00 -5.07
CA GLN A 46 23.05 -0.64 -5.95
CA GLN A 46 23.04 -0.63 -5.97
C GLN A 46 22.34 -1.66 -6.83
N ALA A 47 21.54 -2.53 -6.21
CA ALA A 47 20.80 -3.54 -6.96
C ALA A 47 19.81 -2.97 -7.96
N LYS A 48 19.25 -1.82 -7.61
CA LYS A 48 18.36 -1.11 -8.51
C LYS A 48 19.04 -0.35 -9.61
N HIS A 49 20.36 -0.27 -9.55
CA HIS A 49 21.16 0.50 -10.50
C HIS A 49 20.78 1.96 -10.55
N LEU A 50 20.34 2.52 -9.42
CA LEU A 50 19.93 3.92 -9.38
C LEU A 50 21.13 4.84 -9.66
N ASN A 51 20.86 5.88 -10.41
CA ASN A 51 21.84 6.93 -10.67
C ASN A 51 21.75 7.93 -9.51
N MSE A 52 22.43 7.58 -8.42
CA MSE A 52 22.42 8.37 -7.23
C MSE A 52 23.13 9.72 -7.37
O MSE A 52 22.73 10.72 -6.78
CB MSE A 52 22.99 7.59 -6.05
CG MSE A 52 22.17 6.37 -5.62
SE MSE A 52 20.33 6.69 -5.15
CE MSE A 52 20.62 7.92 -3.65
N ASP A 53 24.19 9.72 -8.18
CA ASP A 53 24.97 10.94 -8.39
C ASP A 53 24.04 12.02 -8.99
N SER A 54 23.34 11.67 -10.07
CA SER A 54 22.48 12.64 -10.74
C SER A 54 21.28 13.07 -9.88
N LEU A 55 20.70 12.10 -9.19
CA LEU A 55 19.57 12.37 -8.29
C LEU A 55 19.99 13.38 -7.20
N TYR A 56 21.10 13.11 -6.52
CA TYR A 56 21.58 13.99 -5.48
C TYR A 56 21.77 15.41 -6.04
N GLN A 57 22.44 15.50 -7.19
CA GLN A 57 22.79 16.84 -7.69
C GLN A 57 21.53 17.61 -8.12
N ALA A 58 20.58 16.91 -8.73
CA ALA A 58 19.35 17.57 -9.14
C ALA A 58 18.61 18.10 -7.92
N CYS A 59 18.51 17.29 -6.90
CA CYS A 59 17.81 17.70 -5.69
C CYS A 59 18.56 18.79 -4.94
N ASP A 60 19.87 18.66 -4.82
CA ASP A 60 20.64 19.67 -4.12
C ASP A 60 20.54 21.04 -4.77
N ALA A 61 20.51 21.11 -6.11
CA ALA A 61 20.37 22.38 -6.81
C ALA A 61 19.05 23.04 -6.43
N ARG A 62 18.00 22.23 -6.34
CA ARG A 62 16.71 22.74 -5.91
C ARG A 62 16.70 23.17 -4.45
N VAL A 63 17.35 22.41 -3.57
CA VAL A 63 17.39 22.74 -2.15
C VAL A 63 18.05 24.13 -1.97
N ARG A 64 19.07 24.39 -2.77
CA ARG A 64 19.77 25.68 -2.70
C ARG A 64 18.90 26.88 -3.11
N GLN A 65 17.80 26.65 -3.83
CA GLN A 65 16.87 27.70 -4.24
C GLN A 65 15.56 27.71 -3.44
N ALA A 66 15.40 26.76 -2.52
CA ALA A 66 14.14 26.58 -1.79
C ALA A 66 14.03 27.73 -0.76
N GLN A 67 12.85 28.34 -0.71
CA GLN A 67 12.62 29.52 0.16
CA GLN A 67 12.60 29.53 0.14
C GLN A 67 11.76 29.19 1.39
N THR A 68 10.85 28.23 1.27
CA THR A 68 9.96 27.86 2.34
C THR A 68 10.14 26.38 2.73
N THR A 69 9.60 25.98 3.87
CA THR A 69 9.67 24.60 4.28
C THR A 69 8.80 23.71 3.38
N THR A 70 7.73 24.26 2.81
CA THR A 70 6.94 23.51 1.81
C THR A 70 7.84 23.19 0.59
N ASP A 71 8.57 24.18 0.08
CA ASP A 71 9.48 23.97 -1.05
C ASP A 71 10.48 22.84 -0.72
N TYR A 72 11.08 22.92 0.47
CA TYR A 72 12.04 21.94 0.93
C TYR A 72 11.43 20.52 1.08
N GLY A 73 10.31 20.41 1.77
CA GLY A 73 9.67 19.14 2.02
C GLY A 73 9.28 18.46 0.71
N LEU A 74 8.82 19.21 -0.30
CA LEU A 74 8.49 18.62 -1.59
C LEU A 74 9.74 18.03 -2.25
N ILE A 75 10.89 18.69 -2.10
CA ILE A 75 12.13 18.13 -2.67
C ILE A 75 12.52 16.85 -1.96
N VAL A 76 12.44 16.85 -0.64
CA VAL A 76 12.70 15.65 0.15
C VAL A 76 11.75 14.52 -0.28
N GLN A 77 10.46 14.84 -0.44
CA GLN A 77 9.49 13.84 -0.90
C GLN A 77 9.91 13.24 -2.24
N GLU A 78 10.30 14.07 -3.18
CA GLU A 78 10.75 13.64 -4.50
C GLU A 78 12.01 12.81 -4.44
N TYR A 79 12.95 13.22 -3.60
CA TYR A 79 14.20 12.47 -3.43
C TYR A 79 13.94 11.02 -2.93
N ILE A 80 13.18 10.93 -1.84
CA ILE A 80 12.86 9.66 -1.24
C ILE A 80 12.06 8.78 -2.23
N SER A 81 11.08 9.38 -2.91
CA SER A 81 10.29 8.66 -3.91
C SER A 81 11.15 8.14 -5.07
N ALA A 82 12.19 8.91 -5.42
CA ALA A 82 13.14 8.50 -6.46
C ALA A 82 14.00 7.29 -6.08
N LEU A 83 13.97 6.87 -4.82
CA LEU A 83 14.63 5.65 -4.37
C LEU A 83 13.88 4.40 -4.83
N GLN A 84 12.64 4.57 -5.32
CA GLN A 84 11.88 3.51 -5.96
C GLN A 84 11.68 2.33 -5.08
N CYS A 85 11.23 2.59 -3.84
CA CYS A 85 10.95 1.48 -2.93
C CYS A 85 9.71 1.80 -2.10
N ALA A 86 8.77 0.87 -2.09
CA ALA A 86 7.54 1.08 -1.32
C ALA A 86 7.74 1.35 0.18
N HIS A 87 8.87 0.88 0.72
CA HIS A 87 9.22 1.13 2.12
C HIS A 87 10.37 2.11 2.35
N ALA A 88 10.79 2.83 1.31
CA ALA A 88 11.65 4.02 1.46
C ALA A 88 10.68 5.18 1.41
N ILE A 89 10.36 5.71 2.59
CA ILE A 89 9.25 6.67 2.72
C ILE A 89 9.61 7.83 3.63
N THR A 90 8.92 8.95 3.40
CA THR A 90 8.96 10.03 4.36
C THR A 90 7.95 9.78 5.46
N CYS A 91 7.96 10.69 6.44
CA CYS A 91 7.05 10.62 7.59
C CYS A 91 6.11 11.82 7.63
N TYR A 92 5.98 12.55 6.52
CA TYR A 92 5.15 13.75 6.48
C TYR A 92 3.67 13.45 6.51
N LYS A 93 2.91 14.34 7.15
CA LYS A 93 1.46 14.23 7.20
C LYS A 93 0.85 14.79 5.93
N ARG A 94 -0.37 14.37 5.63
CA ARG A 94 -1.05 14.83 4.43
C ARG A 94 -2.44 15.35 4.74
N TYR A 95 -2.77 16.45 4.11
CA TYR A 95 -4.16 16.94 4.09
C TYR A 95 -4.98 15.97 3.25
N THR A 96 -6.23 15.76 3.62
CA THR A 96 -6.98 14.63 3.11
C THR A 96 -8.49 14.84 3.17
N ALA A 97 -9.19 14.10 2.30
CA ALA A 97 -10.65 13.98 2.38
C ALA A 97 -11.09 12.58 2.87
N ASN A 98 -10.08 11.75 3.20
CA ASN A 98 -10.26 10.45 3.81
C ASN A 98 -11.18 9.55 2.98
N GLN A 99 -10.93 9.54 1.66
CA GLN A 99 -11.86 8.93 0.72
C GLN A 99 -11.24 7.81 -0.14
N ARG A 100 -11.95 6.68 -0.17
CA ARG A 100 -11.65 5.57 -1.08
C ARG A 100 -11.95 5.87 -2.53
N VAL A 101 -11.01 5.48 -3.38
CA VAL A 101 -11.26 5.53 -4.81
C VAL A 101 -11.05 4.14 -5.40
N ALA A 102 -11.61 3.95 -6.58
CA ALA A 102 -11.44 2.74 -7.38
C ALA A 102 -10.64 3.12 -8.63
N PHE A 103 -9.63 2.33 -8.93
CA PHE A 103 -8.77 2.57 -10.10
C PHE A 103 -8.84 1.28 -10.90
N ILE A 104 -9.72 1.31 -11.89
CA ILE A 104 -10.23 0.13 -12.57
C ILE A 104 -10.09 0.36 -14.07
N GLU A 105 -9.40 -0.54 -14.75
CA GLU A 105 -9.11 -0.40 -16.20
C GLU A 105 -8.54 0.98 -16.51
N ASP A 106 -7.71 1.49 -15.60
CA ASP A 106 -7.02 2.77 -15.74
C ASP A 106 -7.97 3.97 -15.69
N PHE A 107 -9.19 3.77 -15.18
CA PHE A 107 -10.14 4.85 -14.94
C PHE A 107 -10.24 5.05 -13.42
N LEU A 108 -10.53 6.28 -13.03
CA LEU A 108 -10.55 6.67 -11.62
C LEU A 108 -11.97 7.07 -11.20
N PHE A 109 -12.48 6.42 -10.15
CA PHE A 109 -13.85 6.62 -9.65
C PHE A 109 -13.87 6.90 -8.15
N VAL A 110 -14.83 7.73 -7.74
CA VAL A 110 -15.19 7.84 -6.35
C VAL A 110 -15.94 6.55 -5.93
N ASP A 111 -15.46 5.89 -4.89
CA ASP A 111 -15.98 4.60 -4.46
C ASP A 111 -16.61 4.75 -3.08
N LYS A 112 -17.92 4.99 -3.07
CA LYS A 112 -18.73 5.12 -1.85
C LYS A 112 -18.33 6.39 -1.07
N PRO A 113 -18.84 7.55 -1.53
CA PRO A 113 -18.47 8.83 -0.88
C PRO A 113 -18.77 8.79 0.61
N ASN A 114 -17.80 9.23 1.40
CA ASN A 114 -17.99 9.36 2.85
C ASN A 114 -18.84 10.59 3.14
N ASP A 115 -19.17 10.82 4.41
CA ASP A 115 -20.11 11.93 4.73
C ASP A 115 -19.52 13.28 4.32
N TYR A 116 -18.19 13.41 4.40
CA TYR A 116 -17.53 14.65 4.05
C TYR A 116 -17.69 14.94 2.55
N LEU A 117 -17.37 13.98 1.71
CA LEU A 117 -17.61 14.13 0.27
C LEU A 117 -19.08 14.39 -0.06
N THR A 118 -19.97 13.72 0.67
CA THR A 118 -21.41 13.94 0.46
C THR A 118 -21.79 15.41 0.76
N GLU A 119 -21.13 16.03 1.75
CA GLU A 119 -21.36 17.47 2.05
C GLU A 119 -21.03 18.38 0.87
N TYR A 120 -20.16 17.92 -0.03
CA TYR A 120 -19.73 18.69 -1.17
C TYR A 120 -20.33 18.19 -2.48
N GLY A 121 -21.26 17.24 -2.38
CA GLY A 121 -22.06 16.84 -3.50
C GLY A 121 -21.47 15.78 -4.44
N PHE A 122 -20.43 15.08 -3.99
CA PHE A 122 -19.96 13.91 -4.73
C PHE A 122 -20.97 12.76 -4.62
N GLN A 123 -21.02 11.95 -5.66
CA GLN A 123 -21.90 10.77 -5.74
C GLN A 123 -21.11 9.52 -6.04
N ASP A 124 -21.64 8.38 -5.60
CA ASP A 124 -21.00 7.09 -5.85
C ASP A 124 -20.77 6.86 -7.33
N LYS A 125 -19.55 6.41 -7.64
CA LYS A 125 -19.13 6.08 -8.99
C LYS A 125 -18.96 7.25 -9.92
N ASP A 126 -18.94 8.47 -9.36
CA ASP A 126 -18.52 9.61 -10.14
C ASP A 126 -17.13 9.30 -10.73
N ARG A 127 -16.95 9.54 -12.03
CA ARG A 127 -15.67 9.31 -12.67
C ARG A 127 -14.85 10.60 -12.69
N ILE A 128 -13.64 10.55 -12.15
CA ILE A 128 -12.76 11.71 -12.07
C ILE A 128 -12.03 11.82 -13.40
N ILE A 129 -12.43 12.82 -14.18
CA ILE A 129 -11.93 13.14 -15.54
CA ILE A 129 -11.80 12.95 -15.50
C ILE A 129 -10.67 14.00 -15.50
N ALA A 130 -10.63 14.88 -14.50
CA ALA A 130 -9.54 15.85 -14.35
C ALA A 130 -9.43 16.27 -12.90
N ILE A 131 -8.20 16.66 -12.51
CA ILE A 131 -7.90 17.17 -11.19
C ILE A 131 -7.17 18.50 -11.40
N ASN A 132 -7.69 19.56 -10.80
CA ASN A 132 -7.13 20.90 -11.02
C ASN A 132 -6.95 21.22 -12.52
N GLY A 133 -7.95 20.83 -13.30
CA GLY A 133 -7.99 21.06 -14.73
C GLY A 133 -7.08 20.21 -15.58
N LEU A 134 -6.38 19.27 -14.96
CA LEU A 134 -5.46 18.41 -15.68
CA LEU A 134 -5.45 18.39 -15.68
C LEU A 134 -6.13 17.06 -15.90
N PRO A 135 -6.22 16.57 -17.17
CA PRO A 135 -6.75 15.23 -17.41
C PRO A 135 -6.15 14.21 -16.44
N TYR A 136 -6.98 13.33 -15.91
CA TYR A 136 -6.58 12.55 -14.74
C TYR A 136 -5.35 11.66 -14.96
N LYS A 137 -5.20 11.13 -16.16
CA LYS A 137 -4.01 10.31 -16.46
C LYS A 137 -2.76 11.17 -16.37
N GLN A 138 -2.82 12.41 -16.87
CA GLN A 138 -1.68 13.32 -16.78
CA GLN A 138 -1.67 13.32 -16.78
C GLN A 138 -1.41 13.69 -15.33
N TRP A 139 -2.48 13.94 -14.57
CA TRP A 139 -2.33 14.22 -13.15
C TRP A 139 -1.62 13.06 -12.44
N ILE A 140 -2.05 11.85 -12.72
CA ILE A 140 -1.41 10.70 -12.08
C ILE A 140 0.10 10.70 -12.45
N GLU A 141 0.40 10.81 -13.74
CA GLU A 141 1.79 10.74 -14.19
C GLU A 141 2.65 11.86 -13.58
N GLN A 142 2.06 13.06 -13.43
CA GLN A 142 2.78 14.21 -12.88
C GLN A 142 2.94 14.12 -11.36
N ASN A 143 2.12 13.29 -10.71
CA ASN A 143 2.20 13.12 -9.25
C ASN A 143 2.93 11.88 -8.77
N GLU A 144 3.29 11.00 -9.70
CA GLU A 144 4.05 9.81 -9.30
C GLU A 144 5.40 10.16 -8.68
N LYS A 145 5.94 11.33 -9.03
CA LYS A 145 7.18 11.78 -8.42
C LYS A 145 7.14 11.97 -6.90
N TYR A 146 5.94 12.01 -6.32
CA TYR A 146 5.80 12.13 -4.90
C TYR A 146 5.45 10.81 -4.21
N THR A 147 5.30 9.74 -5.02
CA THR A 147 4.84 8.47 -4.53
C THR A 147 5.97 7.45 -4.39
N GLU A 148 6.04 6.82 -3.24
CA GLU A 148 7.01 5.79 -2.94
C GLU A 148 6.49 4.43 -3.35
N ALA A 149 7.19 3.76 -4.27
CA ALA A 149 6.76 2.46 -4.77
C ALA A 149 7.92 1.76 -5.45
N SER A 150 7.88 0.43 -5.40
CA SER A 150 8.85 -0.47 -6.01
C SER A 150 8.54 -0.85 -7.46
N THR A 151 7.26 -0.75 -7.85
CA THR A 151 6.82 -1.18 -9.18
C THR A 151 5.97 -0.11 -9.83
N VAL A 152 6.00 -0.06 -11.17
CA VAL A 152 5.17 0.86 -11.90
C VAL A 152 3.65 0.72 -11.59
N PRO A 153 3.09 -0.50 -11.59
CA PRO A 153 1.67 -0.59 -11.29
C PRO A 153 1.32 -0.08 -9.91
N HIS A 154 2.13 -0.40 -8.92
CA HIS A 154 1.89 0.08 -7.57
C HIS A 154 2.09 1.59 -7.42
N ARG A 155 3.08 2.14 -8.13
CA ARG A 155 3.31 3.57 -8.09
C ARG A 155 2.09 4.30 -8.67
N ARG A 156 1.55 3.77 -9.76
CA ARG A 156 0.33 4.35 -10.37
C ARG A 156 -0.87 4.23 -9.42
N LEU A 157 -1.03 3.04 -8.83
CA LEU A 157 -2.15 2.82 -7.91
C LEU A 157 -2.08 3.73 -6.68
N ARG A 158 -0.92 3.80 -6.04
CA ARG A 158 -0.78 4.68 -4.87
C ARG A 158 -1.06 6.13 -5.22
N THR A 159 -0.63 6.55 -6.40
CA THR A 159 -0.87 7.93 -6.84
C THR A 159 -2.35 8.17 -7.10
N ALA A 160 -3.01 7.22 -7.74
CA ALA A 160 -4.47 7.33 -7.97
C ALA A 160 -5.19 7.45 -6.64
N TYR A 161 -4.69 6.70 -5.66
CA TYR A 161 -5.29 6.64 -4.33
C TYR A 161 -4.97 7.91 -3.53
N ASP A 162 -4.10 8.77 -4.06
CA ASP A 162 -3.84 10.12 -3.51
C ASP A 162 -4.69 11.21 -4.17
N ALA A 163 -5.72 10.82 -4.94
CA ALA A 163 -6.60 11.83 -5.56
C ALA A 163 -7.20 12.80 -4.54
N PHE A 164 -7.41 12.32 -3.32
CA PHE A 164 -8.01 13.10 -2.25
C PHE A 164 -7.05 13.38 -1.11
N ARG A 165 -5.75 13.49 -1.39
CA ARG A 165 -4.83 13.97 -0.37
C ARG A 165 -3.58 14.59 -0.93
N SER A 166 -2.93 15.41 -0.11
CA SER A 166 -1.78 16.18 -0.54
C SER A 166 -0.86 16.51 0.61
N TYR A 167 0.43 16.57 0.32
CA TYR A 167 1.42 17.08 1.29
C TYR A 167 1.25 18.59 1.52
N ALA A 168 0.78 19.33 0.51
CA ALA A 168 0.77 20.82 0.57
C ALA A 168 -0.59 21.46 0.37
N ASP A 169 -1.41 20.89 -0.51
CA ASP A 169 -2.67 21.50 -0.96
C ASP A 169 -3.77 21.31 0.08
N THR A 170 -4.49 22.40 0.37
CA THR A 170 -5.66 22.36 1.22
C THR A 170 -6.98 22.60 0.46
N LEU A 171 -6.89 22.72 -0.85
CA LEU A 171 -8.05 22.79 -1.74
CA LEU A 171 -8.04 22.82 -1.74
C LEU A 171 -7.73 22.01 -3.00
N ARG A 172 -8.74 21.38 -3.58
CA ARG A 172 -8.57 20.65 -4.82
C ARG A 172 -9.85 20.71 -5.64
N ASN A 173 -9.68 20.88 -6.95
CA ASN A 173 -10.78 20.85 -7.93
C ASN A 173 -10.82 19.52 -8.65
N TYR A 174 -12.03 19.03 -8.88
CA TYR A 174 -12.28 17.81 -9.65
C TYR A 174 -13.26 18.07 -10.77
N THR A 175 -12.95 17.53 -11.95
CA THR A 175 -13.90 17.46 -13.04
C THR A 175 -14.41 16.02 -13.08
N LEU A 176 -15.73 15.89 -12.97
CA LEU A 176 -16.42 14.61 -12.84
C LEU A 176 -17.35 14.33 -14.00
N LEU A 177 -17.45 13.05 -14.35
CA LEU A 177 -18.47 12.53 -15.26
C LEU A 177 -19.47 11.71 -14.43
N ARG A 178 -20.71 12.16 -14.46
CA ARG A 178 -21.80 11.62 -13.67
C ARG A 178 -22.97 11.41 -14.65
N GLY A 179 -23.31 10.17 -14.92
CA GLY A 179 -24.39 9.84 -15.86
C GLY A 179 -24.39 10.63 -17.14
N GLY A 180 -23.24 10.74 -17.78
CA GLY A 180 -23.16 11.48 -19.06
C GLY A 180 -23.00 13.00 -18.97
N ASP A 181 -23.24 13.58 -17.79
CA ASP A 181 -22.97 15.00 -17.53
C ASP A 181 -21.58 15.22 -16.93
N THR A 182 -20.95 16.30 -17.37
CA THR A 182 -19.68 16.79 -16.81
C THR A 182 -19.90 17.95 -15.84
N LEU A 183 -19.24 17.88 -14.70
CA LEU A 183 -19.29 18.97 -13.73
C LEU A 183 -17.98 19.12 -13.02
N THR A 184 -17.81 20.27 -12.35
CA THR A 184 -16.64 20.51 -11.54
C THR A 184 -17.03 20.82 -10.09
N VAL A 185 -16.24 20.27 -9.15
CA VAL A 185 -16.43 20.42 -7.72
C VAL A 185 -15.13 20.83 -7.05
N THR A 186 -15.21 21.77 -6.11
CA THR A 186 -14.05 22.22 -5.31
C THR A 186 -14.22 21.69 -3.88
N LEU A 187 -13.16 21.08 -3.36
CA LEU A 187 -13.20 20.38 -2.09
C LEU A 187 -12.01 20.75 -1.22
N PRO A 188 -12.23 21.23 0.02
CA PRO A 188 -11.10 21.41 0.93
C PRO A 188 -10.54 20.10 1.39
N LEU A 189 -9.23 20.05 1.52
CA LEU A 189 -8.55 18.91 2.12
C LEU A 189 -8.16 19.31 3.52
N LYS A 190 -8.52 18.45 4.47
CA LYS A 190 -8.47 18.74 5.90
C LYS A 190 -7.30 18.01 6.53
N GLN A 191 -6.94 18.39 7.74
CA GLN A 191 -6.04 17.58 8.56
C GLN A 191 -6.64 16.22 8.81
N ARG A 192 -5.77 15.20 8.86
CA ARG A 192 -6.24 13.86 9.07
C ARG A 192 -7.05 13.71 10.36
N ASP A 193 -6.70 14.47 11.41
CA ASP A 193 -7.46 14.39 12.66
C ASP A 193 -8.87 15.02 12.60
N TYR A 194 -9.25 15.59 11.47
CA TYR A 194 -10.64 15.98 11.24
C TYR A 194 -11.61 14.78 11.16
N PHE A 195 -11.08 13.62 10.76
CA PHE A 195 -11.85 12.40 10.60
C PHE A 195 -11.59 11.42 11.73
N PRO A 196 -12.58 10.59 12.06
CA PRO A 196 -12.44 9.58 13.11
C PRO A 196 -11.47 8.48 12.70
N ASP A 197 -10.85 7.81 13.67
CA ASP A 197 -10.02 6.63 13.36
C ASP A 197 -10.97 5.49 12.97
N ASN A 198 -10.46 4.52 12.23
CA ASN A 198 -11.28 3.31 11.94
C ASN A 198 -11.25 2.34 13.11
N GLU A 199 -12.44 2.01 13.61
CA GLU A 199 -12.65 0.97 14.62
C GLU A 199 -13.37 -0.24 13.99
N GLU A 200 -13.24 -0.36 12.68
CA GLU A 200 -13.84 -1.45 11.93
C GLU A 200 -13.06 -2.75 12.16
N GLN A 201 -13.74 -3.87 11.92
CA GLN A 201 -13.10 -5.14 12.05
C GLN A 201 -11.99 -5.32 10.99
N THR A 202 -10.88 -5.84 11.45
CA THR A 202 -9.76 -6.18 10.60
C THR A 202 -9.97 -7.46 9.77
N VAL A 203 -10.87 -8.31 10.23
CA VAL A 203 -11.17 -9.59 9.60
C VAL A 203 -12.66 -9.78 9.71
N GLU A 204 -13.26 -10.18 8.60
CA GLU A 204 -14.64 -10.59 8.58
C GLU A 204 -14.80 -11.90 7.83
N SER A 205 -15.86 -12.65 8.15
CA SER A 205 -16.16 -13.87 7.42
C SER A 205 -17.63 -14.00 7.22
N ARG A 206 -17.99 -14.59 6.07
CA ARG A 206 -19.37 -14.99 5.83
CA ARG A 206 -19.37 -14.83 5.59
C ARG A 206 -19.40 -16.18 4.91
N ILE A 207 -20.60 -16.70 4.71
CA ILE A 207 -20.79 -17.92 3.95
C ILE A 207 -21.51 -17.53 2.68
N LEU A 208 -20.89 -17.83 1.54
CA LEU A 208 -21.55 -17.73 0.23
C LEU A 208 -22.13 -19.11 -0.17
N GLN A 209 -23.27 -19.12 -0.86
CA GLN A 209 -23.88 -20.32 -1.43
CA GLN A 209 -23.72 -20.35 -1.49
C GLN A 209 -23.83 -21.55 -0.50
N ASP A 210 -24.02 -21.30 0.79
CA ASP A 210 -24.04 -22.35 1.85
C ASP A 210 -22.77 -23.21 2.11
N SER A 211 -21.84 -23.29 1.14
CA SER A 211 -20.74 -24.26 1.13
C SER A 211 -19.37 -23.55 0.97
N ILE A 212 -19.39 -22.26 0.71
CA ILE A 212 -18.14 -21.54 0.41
C ILE A 212 -17.94 -20.49 1.47
N GLY A 213 -16.84 -20.59 2.21
CA GLY A 213 -16.49 -19.55 3.14
C GLY A 213 -15.80 -18.39 2.44
N TYR A 214 -15.97 -17.19 3.00
CA TYR A 214 -15.32 -15.97 2.51
CA TYR A 214 -15.27 -16.00 2.52
C TYR A 214 -14.75 -15.26 3.73
N LEU A 215 -13.46 -15.04 3.75
CA LEU A 215 -12.80 -14.38 4.84
C LEU A 215 -11.95 -13.26 4.28
N THR A 216 -12.22 -12.03 4.70
CA THR A 216 -11.49 -10.82 4.30
CA THR A 216 -11.38 -10.93 4.27
C THR A 216 -10.51 -10.44 5.41
N ILE A 217 -9.22 -10.30 5.07
CA ILE A 217 -8.18 -9.89 6.00
C ILE A 217 -7.69 -8.56 5.51
N LYS A 218 -8.11 -7.49 6.19
CA LYS A 218 -7.95 -6.11 5.69
C LYS A 218 -6.63 -5.47 6.06
N THR A 219 -5.99 -6.02 7.07
CA THR A 219 -4.69 -5.57 7.58
C THR A 219 -4.01 -6.70 8.33
N MSE A 220 -2.68 -6.60 8.44
CA MSE A 220 -1.92 -7.50 9.31
C MSE A 220 -1.54 -6.84 10.62
O MSE A 220 -0.78 -7.41 11.39
CB MSE A 220 -0.68 -8.02 8.59
CG MSE A 220 -0.98 -8.82 7.32
SE MSE A 220 -2.14 -10.27 7.68
CE MSE A 220 -1.97 -11.20 6.02
N MSE A 221 -2.04 -5.62 10.86
CA MSE A 221 -1.88 -4.99 12.17
C MSE A 221 -2.74 -5.66 13.22
O MSE A 221 -3.85 -6.10 12.93
CB MSE A 221 -2.31 -3.51 12.09
CG MSE A 221 -1.45 -2.68 11.17
SE MSE A 221 -1.98 -0.82 11.10
CE MSE A 221 -1.52 -0.35 12.91
N ASN A 222 -2.28 -5.63 14.46
CA ASN A 222 -3.16 -5.98 15.57
C ASN A 222 -4.39 -5.04 15.48
N PRO A 223 -5.59 -5.54 15.78
CA PRO A 223 -5.91 -6.82 16.42
C PRO A 223 -6.30 -7.94 15.44
N VAL A 224 -5.65 -8.00 14.29
CA VAL A 224 -5.99 -9.04 13.28
C VAL A 224 -6.10 -10.46 13.87
N MSE A 225 -5.22 -10.86 14.78
CA MSE A 225 -5.32 -12.25 15.27
C MSE A 225 -6.58 -12.51 16.05
O MSE A 225 -7.16 -13.58 15.99
CB MSE A 225 -4.14 -12.59 16.17
CG MSE A 225 -2.79 -12.49 15.49
SE MSE A 225 -2.68 -13.39 13.79
CE MSE A 225 -3.43 -15.10 14.32
N GLU A 226 -6.99 -11.53 16.85
CA GLU A 226 -8.20 -11.66 17.62
C GLU A 226 -9.44 -11.64 16.74
N ASP A 227 -9.50 -10.74 15.76
CA ASP A 227 -10.61 -10.75 14.83
C ASP A 227 -10.62 -12.08 14.02
N PHE A 228 -9.44 -12.53 13.58
CA PHE A 228 -9.35 -13.78 12.85
C PHE A 228 -9.89 -14.94 13.69
N LYS A 229 -9.41 -15.06 14.94
CA LYS A 229 -9.83 -16.19 15.77
C LYS A 229 -11.32 -16.15 16.14
N ALA A 230 -11.91 -14.96 16.17
CA ALA A 230 -13.33 -14.83 16.43
C ALA A 230 -14.22 -15.25 15.26
N VAL A 231 -13.73 -15.07 14.03
CA VAL A 231 -14.53 -15.33 12.82
C VAL A 231 -14.18 -16.62 12.06
N TYR A 232 -12.94 -17.06 12.18
CA TYR A 232 -12.49 -18.26 11.50
C TYR A 232 -13.38 -19.48 11.80
N PRO A 233 -13.85 -19.65 13.06
CA PRO A 233 -14.68 -20.83 13.33
C PRO A 233 -15.98 -20.91 12.53
N LYS A 234 -16.47 -19.78 12.04
CA LYS A 234 -17.66 -19.77 11.21
C LYS A 234 -17.46 -20.51 9.89
N VAL A 235 -16.24 -20.47 9.37
CA VAL A 235 -15.95 -20.99 8.03
C VAL A 235 -15.06 -22.23 8.02
N LYS A 236 -14.48 -22.58 9.16
CA LYS A 236 -13.40 -23.56 9.18
C LYS A 236 -13.82 -24.97 8.73
N ASP A 237 -15.11 -25.27 8.81
CA ASP A 237 -15.61 -26.60 8.47
C ASP A 237 -16.29 -26.68 7.10
N LEU A 238 -16.23 -25.57 6.36
CA LEU A 238 -16.77 -25.54 5.00
C LEU A 238 -15.75 -26.14 4.03
N PRO A 239 -16.22 -26.76 2.95
CA PRO A 239 -15.29 -27.43 2.04
C PRO A 239 -14.44 -26.52 1.17
N TYR A 240 -14.88 -25.27 1.01
CA TYR A 240 -14.14 -24.28 0.20
C TYR A 240 -14.00 -23.02 0.98
N LEU A 241 -12.89 -22.34 0.77
CA LEU A 241 -12.64 -21.06 1.44
C LEU A 241 -11.94 -20.09 0.52
N ILE A 242 -12.50 -18.89 0.44
CA ILE A 242 -11.91 -17.78 -0.34
C ILE A 242 -11.39 -16.76 0.68
N ILE A 243 -10.07 -16.55 0.70
CA ILE A 243 -9.41 -15.56 1.56
C ILE A 243 -9.08 -14.34 0.73
N ASP A 244 -9.40 -13.16 1.24
CA ASP A 244 -9.21 -11.91 0.48
C ASP A 244 -8.15 -11.04 1.16
N VAL A 245 -7.06 -10.77 0.45
CA VAL A 245 -6.04 -9.82 0.92
C VAL A 245 -5.86 -8.64 -0.05
N ARG A 246 -6.87 -8.39 -0.86
CA ARG A 246 -6.79 -7.33 -1.87
C ARG A 246 -6.68 -5.94 -1.28
N ARG A 247 -7.19 -5.76 -0.05
CA ARG A 247 -7.14 -4.44 0.58
C ARG A 247 -6.11 -4.36 1.70
N ASN A 248 -5.16 -5.28 1.70
CA ASN A 248 -4.25 -5.46 2.82
C ASN A 248 -2.86 -4.97 2.47
N GLY A 249 -2.55 -3.81 3.04
CA GLY A 249 -1.33 -3.10 2.77
C GLY A 249 -0.20 -3.39 3.69
N GLY A 250 -0.41 -4.29 4.65
CA GLY A 250 0.63 -4.79 5.56
C GLY A 250 0.29 -4.63 7.03
N GLY A 251 1.32 -4.46 7.83
CA GLY A 251 1.21 -4.38 9.27
C GLY A 251 2.38 -5.19 9.82
N ASN A 252 2.05 -6.23 10.54
CA ASN A 252 2.99 -7.05 11.28
CA ASN A 252 3.06 -7.04 11.20
C ASN A 252 3.21 -8.38 10.51
N SER A 253 4.42 -8.64 10.02
N SER A 253 4.42 -8.64 10.05
CA SER A 253 4.72 -9.87 9.29
CA SER A 253 4.72 -9.84 9.29
C SER A 253 4.48 -11.13 10.09
C SER A 253 4.53 -11.13 10.08
N MSE A 254 4.75 -11.07 11.40
CA MSE A 254 4.47 -12.23 12.28
C MSE A 254 2.99 -12.57 12.36
O MSE A 254 2.65 -13.73 12.45
CB MSE A 254 5.02 -12.00 13.70
CG MSE A 254 4.95 -13.20 14.61
SE MSE A 254 5.88 -14.83 14.03
CE MSE A 254 7.11 -14.21 12.86
N ASN A 255 2.11 -11.57 12.26
CA ASN A 255 0.68 -11.91 12.17
C ASN A 255 0.39 -12.68 10.89
N GLY A 256 1.04 -12.31 9.77
CA GLY A 256 0.92 -13.09 8.54
C GLY A 256 1.37 -14.53 8.73
N VAL A 257 2.45 -14.72 9.45
CA VAL A 257 2.94 -16.07 9.78
C VAL A 257 1.91 -16.86 10.60
N ASN A 258 1.38 -16.21 11.64
CA ASN A 258 0.40 -16.86 12.51
C ASN A 258 -0.84 -17.32 11.72
N ILE A 259 -1.30 -16.45 10.80
CA ILE A 259 -2.48 -16.78 10.01
C ILE A 259 -2.13 -17.89 8.99
N CYS A 260 -0.96 -17.81 8.36
CA CYS A 260 -0.56 -18.81 7.36
C CYS A 260 -0.56 -20.22 7.91
N LYS A 261 -0.22 -20.35 9.19
CA LYS A 261 -0.16 -21.66 9.85
C LYS A 261 -1.53 -22.35 9.93
N TYR A 262 -2.62 -21.58 9.75
CA TYR A 262 -3.94 -22.20 9.65
C TYR A 262 -4.28 -22.77 8.27
N PHE A 263 -3.43 -22.51 7.28
CA PHE A 263 -3.78 -22.78 5.86
C PHE A 263 -2.77 -23.62 5.11
N ILE A 264 -1.83 -24.20 5.86
CA ILE A 264 -0.81 -25.10 5.30
C ILE A 264 -1.02 -26.50 5.84
N ARG A 265 -0.49 -27.48 5.11
CA ARG A 265 -0.61 -28.89 5.46
C ARG A 265 0.68 -29.55 5.91
N GLU A 266 1.81 -28.91 5.66
CA GLU A 266 3.10 -29.39 6.11
C GLU A 266 4.01 -28.24 6.44
N ALA A 267 5.07 -28.57 7.17
CA ALA A 267 6.06 -27.61 7.64
C ALA A 267 6.69 -26.87 6.48
N GLN A 268 6.89 -25.57 6.70
CA GLN A 268 7.42 -24.71 5.65
C GLN A 268 8.16 -23.51 6.25
N PRO A 269 9.34 -23.20 5.71
CA PRO A 269 9.99 -21.98 6.18
C PRO A 269 9.26 -20.71 5.72
N HIS A 270 9.23 -19.72 6.61
CA HIS A 270 8.69 -18.40 6.29
C HIS A 270 9.62 -17.66 5.35
N CYS A 271 9.07 -17.06 4.30
CA CYS A 271 9.91 -16.49 3.24
C CYS A 271 10.86 -15.40 3.72
N VAL A 272 10.43 -14.55 4.65
CA VAL A 272 11.23 -13.38 5.08
C VAL A 272 12.27 -13.78 6.12
N SER A 273 11.95 -14.78 6.94
CA SER A 273 12.83 -15.28 7.98
C SER A 273 12.77 -16.81 7.95
N LYS A 274 13.64 -17.41 7.16
CA LYS A 274 13.54 -18.84 6.83
C LYS A 274 13.97 -19.75 7.98
N SER A 275 14.56 -19.18 9.04
CA SER A 275 14.76 -19.91 10.28
C SER A 275 13.45 -20.20 11.01
N TYR A 276 12.38 -19.48 10.68
CA TYR A 276 11.09 -19.76 11.27
C TYR A 276 10.37 -20.83 10.44
N ILE A 277 10.24 -22.01 11.02
CA ILE A 277 9.53 -23.11 10.38
C ILE A 277 8.07 -23.10 10.81
N MSE A 278 7.19 -22.81 9.85
CA MSE A 278 5.77 -22.74 10.09
C MSE A 278 5.22 -24.15 10.14
O MSE A 278 5.39 -24.93 9.20
CB MSE A 278 5.10 -21.96 8.98
CG MSE A 278 5.63 -20.54 8.87
SE MSE A 278 4.74 -19.47 7.53
CE MSE A 278 5.20 -20.50 5.97
N GLN A 279 4.60 -24.49 11.27
CA GLN A 279 3.98 -25.81 11.44
C GLN A 279 2.46 -25.60 11.37
N PRO A 280 1.76 -26.50 10.68
CA PRO A 280 0.31 -26.40 10.63
C PRO A 280 -0.32 -26.39 12.02
N GLU A 281 -1.28 -25.50 12.23
CA GLU A 281 -2.06 -25.51 13.46
C GLU A 281 -2.85 -26.80 13.62
N ALA A 282 -3.12 -27.14 14.87
CA ALA A 282 -4.01 -28.28 15.12
C ALA A 282 -5.35 -28.08 14.45
N ASP A 283 -5.83 -26.84 14.47
CA ASP A 283 -7.14 -26.49 13.89
CA ASP A 283 -7.14 -26.55 13.86
C ASP A 283 -6.97 -25.95 12.46
N ALA A 284 -5.87 -26.30 11.80
CA ALA A 284 -5.66 -25.86 10.41
C ALA A 284 -6.80 -26.36 9.48
N TYR A 285 -7.04 -25.56 8.47
CA TYR A 285 -8.14 -25.75 7.52
C TYR A 285 -7.80 -26.88 6.57
N LYS A 286 -8.80 -27.76 6.31
CA LYS A 286 -8.57 -28.96 5.47
C LYS A 286 -9.24 -28.93 4.11
N GLY A 287 -9.89 -27.81 3.81
CA GLY A 287 -10.60 -27.66 2.56
C GLY A 287 -9.75 -27.03 1.46
N LYS A 288 -10.42 -26.61 0.39
CA LYS A 288 -9.78 -26.04 -0.78
C LYS A 288 -9.77 -24.53 -0.63
N ILE A 289 -8.57 -23.93 -0.81
CA ILE A 289 -8.31 -22.53 -0.48
C ILE A 289 -8.00 -21.73 -1.75
N TYR A 290 -8.64 -20.57 -1.84
CA TYR A 290 -8.37 -19.57 -2.87
C TYR A 290 -7.99 -18.28 -2.18
N LEU A 291 -7.00 -17.56 -2.74
CA LEU A 291 -6.54 -16.33 -2.16
C LEU A 291 -6.63 -15.23 -3.21
N LEU A 292 -7.34 -14.15 -2.89
CA LEU A 292 -7.56 -13.04 -3.83
C LEU A 292 -6.51 -11.94 -3.57
N THR A 293 -5.80 -11.57 -4.63
CA THR A 293 -4.70 -10.63 -4.58
C THR A 293 -4.92 -9.42 -5.47
N ASP A 294 -4.28 -8.33 -5.11
CA ASP A 294 -4.33 -7.11 -5.92
C ASP A 294 -3.00 -6.41 -5.87
N THR A 295 -2.85 -5.42 -6.76
CA THR A 295 -1.71 -4.52 -6.77
C THR A 295 -1.51 -3.84 -5.39
N TYR A 296 -2.60 -3.62 -4.65
CA TYR A 296 -2.53 -2.98 -3.34
C TYR A 296 -1.85 -3.86 -2.29
N THR A 297 -1.97 -5.18 -2.46
CA THR A 297 -1.44 -6.13 -1.48
C THR A 297 0.07 -5.91 -1.34
N LEU A 298 0.54 -5.70 -0.11
CA LEU A 298 1.91 -5.24 0.12
C LEU A 298 2.45 -5.70 1.46
N SER A 299 3.77 -5.78 1.52
CA SER A 299 4.50 -5.85 2.80
CA SER A 299 4.47 -5.83 2.79
C SER A 299 4.13 -7.14 3.51
N ALA A 300 3.72 -7.09 4.79
CA ALA A 300 3.33 -8.30 5.52
C ALA A 300 2.26 -9.12 4.80
N ALA A 301 1.39 -8.46 4.05
CA ALA A 301 0.32 -9.16 3.30
C ALA A 301 0.93 -9.91 2.10
N GLU A 302 2.06 -9.39 1.58
CA GLU A 302 2.75 -10.02 0.45
C GLU A 302 3.65 -11.16 0.90
N SER A 303 4.32 -11.03 2.06
CA SER A 303 5.01 -12.21 2.58
C SER A 303 4.02 -13.33 2.89
N PHE A 304 2.86 -12.95 3.43
CA PHE A 304 1.74 -13.92 3.61
C PHE A 304 1.37 -14.55 2.28
N THR A 305 1.11 -13.70 1.28
CA THR A 305 0.69 -14.20 -0.04
C THR A 305 1.74 -15.17 -0.63
N LEU A 306 3.01 -14.81 -0.48
CA LEU A 306 4.11 -15.60 -1.04
C LEU A 306 4.20 -16.95 -0.31
N ASP A 307 4.08 -16.95 1.02
CA ASP A 307 4.10 -18.19 1.79
C ASP A 307 2.91 -19.08 1.36
N MSE A 308 1.74 -18.46 1.22
CA MSE A 308 0.53 -19.18 0.80
C MSE A 308 0.73 -19.81 -0.59
O MSE A 308 0.44 -21.00 -0.80
CB MSE A 308 -0.66 -18.22 0.85
CG MSE A 308 -1.02 -17.80 2.29
SE MSE A 308 -1.98 -19.14 3.33
CE MSE A 308 -3.77 -18.82 2.67
N LYS A 309 1.25 -19.03 -1.52
CA LYS A 309 1.52 -19.53 -2.85
C LYS A 309 2.48 -20.69 -2.85
N GLU A 310 3.61 -20.50 -2.17
CA GLU A 310 4.70 -21.46 -2.18
C GLU A 310 4.37 -22.75 -1.40
N SER A 311 3.31 -22.73 -0.60
CA SER A 311 2.87 -23.90 0.14
C SER A 311 2.41 -25.02 -0.77
N GLY A 312 1.95 -24.66 -1.96
CA GLY A 312 1.27 -25.61 -2.86
C GLY A 312 -0.18 -25.88 -2.52
N ASN A 313 -0.71 -25.24 -1.46
CA ASN A 313 -2.05 -25.52 -0.95
C ASN A 313 -3.07 -24.42 -1.21
N VAL A 314 -2.72 -23.42 -2.03
CA VAL A 314 -3.54 -22.22 -2.19
C VAL A 314 -3.50 -21.76 -3.65
N THR A 315 -4.67 -21.47 -4.19
CA THR A 315 -4.78 -20.96 -5.56
C THR A 315 -4.99 -19.46 -5.48
N LEU A 316 -4.08 -18.72 -6.12
CA LEU A 316 -4.12 -17.26 -6.12
C LEU A 316 -4.86 -16.76 -7.35
N ILE A 317 -5.74 -15.78 -7.12
CA ILE A 317 -6.58 -15.20 -8.16
C ILE A 317 -6.57 -13.69 -8.03
N GLY A 318 -6.36 -13.01 -9.14
CA GLY A 318 -6.45 -11.54 -9.16
C GLY A 318 -5.33 -10.89 -9.93
N GLU A 319 -4.77 -9.85 -9.34
CA GLU A 319 -3.65 -9.14 -9.94
C GLU A 319 -2.37 -9.42 -9.17
N ALA A 320 -1.24 -9.22 -9.84
CA ALA A 320 0.03 -9.32 -9.18
C ALA A 320 0.07 -8.31 -8.02
N THR A 321 0.72 -8.72 -6.95
CA THR A 321 0.84 -7.89 -5.77
C THR A 321 1.76 -6.63 -6.02
N GLY A 322 1.90 -5.79 -5.00
CA GLY A 322 2.54 -4.48 -5.14
C GLY A 322 4.03 -4.49 -5.34
N GLY A 323 4.70 -5.55 -4.92
CA GLY A 323 6.14 -5.73 -5.17
C GLY A 323 7.12 -5.32 -4.09
N ASP A 324 6.73 -5.42 -2.83
CA ASP A 324 7.67 -5.19 -1.75
C ASP A 324 7.24 -5.88 -0.45
N THR A 325 7.84 -7.03 -0.17
CA THR A 325 7.63 -7.70 1.09
C THR A 325 8.17 -6.92 2.30
N GLY A 326 9.11 -5.96 2.12
CA GLY A 326 9.61 -5.05 3.23
C GLY A 326 11.11 -4.69 3.31
N ASN A 327 11.93 -5.74 3.31
CA ASN A 327 13.43 -5.60 3.43
C ASN A 327 13.91 -4.76 4.62
N GLY A 328 13.21 -4.91 5.75
CA GLY A 328 13.71 -4.36 7.03
C GLY A 328 13.84 -2.85 7.08
N PRO A 329 12.70 -2.13 6.91
CA PRO A 329 12.76 -0.67 7.05
C PRO A 329 12.99 -0.24 8.48
N ARG A 330 13.74 0.86 8.56
CA ARG A 330 14.17 1.45 9.82
CA ARG A 330 14.23 1.45 9.81
C ARG A 330 14.08 2.96 9.70
N PRO A 331 13.64 3.62 10.78
CA PRO A 331 13.60 5.07 10.78
C PRO A 331 14.95 5.69 11.09
N PHE A 332 15.16 6.84 10.47
CA PHE A 332 16.32 7.68 10.68
C PHE A 332 15.86 9.11 10.86
N CYS A 333 16.70 9.89 11.54
CA CYS A 333 16.44 11.31 11.81
CA CYS A 333 16.44 11.31 11.72
C CYS A 333 17.73 12.11 11.60
N THR A 334 17.63 13.22 10.89
CA THR A 334 18.75 14.13 10.72
C THR A 334 18.88 14.97 12.01
N LYS A 335 19.94 15.77 12.08
CA LYS A 335 20.12 16.61 13.25
C LYS A 335 19.04 17.70 13.37
N GLN A 336 18.34 18.02 12.28
CA GLN A 336 17.31 19.04 12.29
C GLN A 336 15.90 18.45 12.23
N ARG A 337 15.76 17.22 12.67
CA ARG A 337 14.46 16.55 12.82
C ARG A 337 13.71 16.29 11.50
N THR A 338 14.47 15.98 10.45
CA THR A 338 13.87 15.35 9.27
C THR A 338 13.89 13.82 9.46
N TYR A 339 12.71 13.22 9.47
CA TYR A 339 12.52 11.81 9.69
C TYR A 339 12.14 11.09 8.39
N PHE A 340 12.66 9.88 8.24
CA PHE A 340 12.32 9.05 7.05
C PHE A 340 12.63 7.60 7.39
N ARG A 341 12.13 6.68 6.57
CA ARG A 341 12.36 5.26 6.76
C ARG A 341 12.95 4.68 5.48
N ILE A 342 13.90 3.78 5.63
CA ILE A 342 14.49 3.09 4.48
C ILE A 342 14.80 1.64 4.83
N PRO A 343 14.69 0.75 3.85
CA PRO A 343 15.13 -0.61 4.08
C PRO A 343 16.65 -0.71 4.23
N THR A 344 17.08 -1.63 5.08
CA THR A 344 18.48 -1.83 5.41
C THR A 344 18.95 -3.25 5.19
N ARG A 345 18.03 -4.16 4.89
CA ARG A 345 18.34 -5.56 4.63
C ARG A 345 18.69 -5.74 3.15
N GLN A 346 19.74 -6.50 2.88
CA GLN A 346 20.12 -6.81 1.51
C GLN A 346 18.99 -7.51 0.75
N PRO A 347 18.93 -7.31 -0.58
CA PRO A 347 17.96 -8.02 -1.38
C PRO A 347 18.04 -9.53 -1.17
N ASP A 348 16.88 -10.16 -1.14
CA ASP A 348 16.80 -11.60 -0.91
C ASP A 348 15.80 -12.21 -1.86
N VAL A 349 15.79 -13.53 -1.86
CA VAL A 349 14.86 -14.32 -2.67
C VAL A 349 14.14 -15.35 -1.80
N SER A 350 12.96 -15.78 -2.25
CA SER A 350 12.22 -16.81 -1.55
C SER A 350 12.93 -18.17 -1.70
N SER A 351 12.42 -19.17 -1.02
CA SER A 351 12.91 -20.55 -1.15
C SER A 351 12.79 -21.08 -2.59
N LYS A 352 11.86 -20.51 -3.38
CA LYS A 352 11.67 -20.89 -4.78
C LYS A 352 12.30 -19.89 -5.78
N GLY A 353 13.10 -18.96 -5.25
CA GLY A 353 13.90 -18.02 -6.03
C GLY A 353 13.17 -16.74 -6.40
N PHE A 354 12.00 -16.51 -5.83
CA PHE A 354 11.25 -15.31 -6.15
C PHE A 354 11.88 -14.05 -5.48
N PRO A 355 12.17 -12.99 -6.25
CA PRO A 355 12.75 -11.82 -5.62
C PRO A 355 11.79 -11.20 -4.64
N MSE A 356 12.28 -10.83 -3.46
CA MSE A 356 11.42 -10.40 -2.38
C MSE A 356 11.02 -8.92 -2.45
O MSE A 356 10.25 -8.44 -1.62
CB MSE A 356 12.08 -10.65 -1.01
CG MSE A 356 12.52 -12.07 -0.69
SE MSE A 356 11.09 -13.26 -0.13
CE MSE A 356 10.48 -12.33 1.43
N GLU A 357 11.52 -8.19 -3.47
CA GLU A 357 11.13 -6.82 -3.72
C GLU A 357 11.36 -6.56 -5.21
N GLY A 358 10.54 -5.68 -5.76
CA GLY A 358 10.71 -5.14 -7.11
C GLY A 358 9.83 -5.72 -8.18
N ILE A 359 9.08 -6.77 -7.85
CA ILE A 359 8.12 -7.36 -8.78
C ILE A 359 6.95 -7.98 -8.05
N GLY A 360 5.75 -7.75 -8.56
CA GLY A 360 4.56 -8.31 -7.94
C GLY A 360 4.56 -9.83 -8.07
N ILE A 361 3.98 -10.49 -7.07
CA ILE A 361 3.80 -11.93 -7.05
C ILE A 361 2.69 -12.26 -8.06
N PRO A 362 2.98 -13.07 -9.07
CA PRO A 362 1.92 -13.33 -10.02
C PRO A 362 0.90 -14.34 -9.50
N PRO A 363 -0.38 -14.10 -9.82
CA PRO A 363 -1.35 -15.08 -9.40
C PRO A 363 -1.34 -16.33 -10.28
N HIS A 364 -2.05 -17.36 -9.83
CA HIS A 364 -2.28 -18.52 -10.69
C HIS A 364 -3.31 -18.20 -11.80
N HIS A 365 -4.30 -17.39 -11.47
CA HIS A 365 -5.28 -16.92 -12.45
C HIS A 365 -5.32 -15.39 -12.42
N GLN A 366 -4.90 -14.78 -13.51
CA GLN A 366 -4.91 -13.35 -13.70
CA GLN A 366 -4.93 -13.36 -13.61
C GLN A 366 -6.33 -12.91 -14.01
N VAL A 367 -6.90 -12.07 -13.16
CA VAL A 367 -8.26 -11.60 -13.31
C VAL A 367 -8.29 -10.14 -12.86
N SER A 368 -8.89 -9.30 -13.69
CA SER A 368 -8.99 -7.85 -13.47
C SER A 368 -10.44 -7.41 -13.25
N GLN A 369 -10.65 -6.53 -12.28
CA GLN A 369 -11.94 -5.85 -12.13
C GLN A 369 -12.27 -5.06 -13.43
N THR A 370 -13.52 -5.11 -13.85
CA THR A 370 -13.95 -4.33 -14.98
C THR A 370 -14.85 -3.15 -14.55
N VAL A 371 -14.86 -2.13 -15.39
CA VAL A 371 -15.75 -1.02 -15.20
C VAL A 371 -17.20 -1.50 -15.30
N ALA A 372 -17.49 -2.35 -16.29
CA ALA A 372 -18.87 -2.84 -16.44
C ALA A 372 -19.37 -3.49 -15.18
N ASP A 373 -18.55 -4.35 -14.56
CA ASP A 373 -18.97 -4.98 -13.32
C ASP A 373 -19.05 -3.94 -12.19
N PHE A 374 -18.09 -3.00 -12.15
CA PHE A 374 -18.08 -1.99 -11.08
C PHE A 374 -19.39 -1.18 -11.06
N MSE A 375 -19.89 -0.87 -12.24
CA MSE A 375 -21.13 -0.06 -12.31
C MSE A 375 -22.35 -0.80 -11.75
O MSE A 375 -23.32 -0.15 -11.34
CB MSE A 375 -21.39 0.41 -13.74
CG MSE A 375 -20.30 1.30 -14.31
SE MSE A 375 -19.79 2.84 -13.28
CE MSE A 375 -21.45 3.64 -13.25
N LYS A 376 -22.30 -2.13 -11.75
CA LYS A 376 -23.34 -2.99 -11.19
C LYS A 376 -23.02 -3.53 -9.79
N ASP A 377 -21.99 -2.98 -9.15
CA ASP A 377 -21.48 -3.47 -7.87
C ASP A 377 -21.19 -4.99 -7.87
N GLU A 378 -20.67 -5.46 -8.99
CA GLU A 378 -20.20 -6.84 -9.14
C GLU A 378 -18.69 -6.85 -8.98
N ASP A 379 -18.21 -7.84 -8.23
CA ASP A 379 -16.79 -8.02 -7.88
C ASP A 379 -16.22 -9.10 -8.78
N THR A 380 -15.50 -8.68 -9.82
CA THR A 380 -15.05 -9.59 -10.88
C THR A 380 -14.26 -10.76 -10.32
N VAL A 381 -13.24 -10.42 -9.51
CA VAL A 381 -12.34 -11.43 -8.95
C VAL A 381 -13.07 -12.38 -8.00
N LEU A 382 -13.94 -11.85 -7.13
CA LEU A 382 -14.69 -12.76 -6.23
C LEU A 382 -15.62 -13.68 -7.05
N ASN A 383 -16.29 -13.13 -8.04
CA ASN A 383 -17.20 -13.93 -8.89
C ASN A 383 -16.44 -15.04 -9.59
N TYR A 384 -15.22 -14.73 -10.03
CA TYR A 384 -14.35 -15.72 -10.66
C TYR A 384 -14.02 -16.87 -9.74
N ALA A 385 -13.62 -16.55 -8.50
CA ALA A 385 -13.30 -17.58 -7.52
C ALA A 385 -14.51 -18.48 -7.22
N VAL A 386 -15.68 -17.86 -7.04
CA VAL A 386 -16.89 -18.63 -6.82
C VAL A 386 -17.17 -19.56 -8.03
N GLY A 387 -16.94 -19.03 -9.23
CA GLY A 387 -17.15 -19.81 -10.44
C GLY A 387 -16.23 -21.01 -10.53
N LEU A 388 -14.96 -20.83 -10.18
CA LEU A 388 -14.01 -21.95 -10.16
CA LEU A 388 -14.01 -21.91 -10.21
C LEU A 388 -14.48 -23.04 -9.25
N ILE A 389 -14.99 -22.64 -8.09
CA ILE A 389 -15.44 -23.65 -7.10
C ILE A 389 -16.64 -24.40 -7.60
N THR A 390 -17.54 -23.70 -8.28
CA THR A 390 -18.82 -24.28 -8.67
C THR A 390 -18.74 -25.09 -9.99
N GLU A 391 -17.60 -25.05 -10.68
CA GLU A 391 -17.30 -25.87 -11.90
CA GLU A 391 -17.44 -25.84 -11.91
C GLU A 391 -17.74 -27.32 -11.69
C1 GOL B . 17.52 -5.08 -12.77
O1 GOL B . 18.91 -5.00 -13.00
C2 GOL B . 17.22 -4.19 -11.57
O2 GOL B . 18.06 -3.07 -11.65
C3 GOL B . 15.76 -3.76 -11.62
O3 GOL B . 15.43 -2.97 -10.49
C1 GOL C . 14.20 13.88 -9.01
O1 GOL C . 13.67 12.92 -9.89
C2 GOL C . 14.44 15.13 -9.83
O2 GOL C . 15.40 14.88 -10.84
C3 GOL C . 14.94 16.24 -8.92
O3 GOL C . 14.52 17.45 -9.46
#